data_2Q1X
#
_entry.id   2Q1X
#
_cell.length_a   88.730
_cell.length_b   88.730
_cell.length_c   176.482
_cell.angle_alpha   90.000
_cell.angle_beta   90.000
_cell.angle_gamma   120.000
#
_symmetry.space_group_name_H-M   'P 65'
#
loop_
_entity.id
_entity.type
_entity.pdbx_description
1 polymer 'Cell division protein ftsZ'
2 non-polymer 'CITRIC ACID'
3 water water
#
_entity_poly.entity_id   1
_entity_poly.type   'polypeptide(L)'
_entity_poly.pdbx_seq_one_letter_code
;MTPPHNYLAVIKVVGIGGGGVNAVNRMIEQGLKGVEFIAINTDAQALLMSDADVKLDVGRDSTRGLGAGADPEVGRKAAE
DAKDEIEELLRGADMVFVTAGEGGGTGTGGAPVVASIARKLGALTVGVVTRPFSFEGKRRSNQAENGIAALRESCDTLIV
IPNDRLLQMGDAAVSLMDAFRSADEVLLNGVQGITDLITTPGLINVDFADVKGIMSGAGTALMGIGSARGEGRSLKAAEI
AINSPLLEASMEGAQGVLMSIAGGSDLGLFEINEAASLVQDAAHPDANIIFGTVIDDSLGDEVRVTVIAAGFDVSGPGRK
PVMGETGGAHRIESAKAGKLTSTLFEPVDAVSVPLHTNGATLSIGGDDDDVDVPPFMRR
;
_entity_poly.pdbx_strand_id   A,B
#
loop_
_chem_comp.id
_chem_comp.type
_chem_comp.name
_chem_comp.formula
CIT non-polymer 'CITRIC ACID' 'C6 H8 O7'
#
# COMPACT_ATOMS: atom_id res chain seq x y z
N LEU A 8 -4.86 14.02 -2.88
CA LEU A 8 -4.16 12.86 -3.56
C LEU A 8 -4.63 11.48 -3.02
N ALA A 9 -5.60 10.89 -3.72
CA ALA A 9 -6.21 9.63 -3.30
C ALA A 9 -5.23 8.49 -3.50
N VAL A 10 -5.15 7.60 -2.52
CA VAL A 10 -4.37 6.37 -2.60
C VAL A 10 -5.32 5.22 -3.06
N ILE A 11 -5.03 4.67 -4.24
CA ILE A 11 -5.85 3.66 -4.84
C ILE A 11 -5.07 2.36 -4.94
N LYS A 12 -5.71 1.28 -4.49
CA LYS A 12 -5.14 -0.05 -4.57
C LYS A 12 -6.07 -0.95 -5.35
N VAL A 13 -5.48 -1.71 -6.26
CA VAL A 13 -6.23 -2.64 -7.09
C VAL A 13 -5.78 -4.05 -6.75
N VAL A 14 -6.68 -4.82 -6.16
CA VAL A 14 -6.43 -6.19 -5.74
C VAL A 14 -7.02 -7.20 -6.75
N GLY A 15 -6.18 -8.11 -7.21
CA GLY A 15 -6.60 -9.23 -8.00
C GLY A 15 -6.42 -10.46 -7.13
N ILE A 16 -7.50 -11.19 -6.91
CA ILE A 16 -7.46 -12.38 -6.06
C ILE A 16 -7.92 -13.64 -6.81
N GLY A 17 -7.10 -14.69 -6.72
CA GLY A 17 -7.27 -15.88 -7.51
C GLY A 17 -6.62 -15.69 -8.86
N GLY A 18 -6.36 -16.79 -9.56
CA GLY A 18 -5.73 -16.72 -10.90
C GLY A 18 -6.39 -15.74 -11.85
N GLY A 19 -7.72 -15.73 -11.87
CA GLY A 19 -8.47 -14.83 -12.75
C GLY A 19 -8.20 -13.37 -12.45
N GLY A 20 -8.31 -12.98 -11.18
CA GLY A 20 -8.00 -11.59 -10.75
C GLY A 20 -6.53 -11.23 -10.97
N VAL A 21 -5.64 -12.18 -10.73
CA VAL A 21 -4.20 -11.94 -10.90
C VAL A 21 -3.89 -11.76 -12.41
N ASN A 22 -4.50 -12.60 -13.25
CA ASN A 22 -4.38 -12.42 -14.71
C ASN A 22 -4.84 -11.05 -15.16
N ALA A 23 -6.00 -10.63 -14.68
CA ALA A 23 -6.53 -9.30 -15.00
C ALA A 23 -5.55 -8.20 -14.58
N VAL A 24 -5.01 -8.29 -13.36
CA VAL A 24 -4.04 -7.30 -12.85
C VAL A 24 -2.77 -7.24 -13.70
N ASN A 25 -2.28 -8.41 -14.12
CA ASN A 25 -1.11 -8.46 -14.99
C ASN A 25 -1.37 -7.75 -16.31
N ARG A 26 -2.59 -7.88 -16.81
CA ARG A 26 -3.02 -7.23 -18.04
C ARG A 26 -3.04 -5.69 -17.86
N MET A 27 -3.55 -5.24 -16.71
CA MET A 27 -3.58 -3.81 -16.38
C MET A 27 -2.18 -3.23 -16.35
N ILE A 28 -1.25 -3.97 -15.75
CA ILE A 28 0.15 -3.57 -15.68
C ILE A 28 0.78 -3.52 -17.09
N GLU A 29 0.49 -4.55 -17.90
CA GLU A 29 1.02 -4.64 -19.26
C GLU A 29 0.49 -3.52 -20.18
N GLN A 30 -0.77 -3.12 -19.97
CA GLN A 30 -1.40 -2.04 -20.73
C GLN A 30 -1.07 -0.65 -20.19
N GLY A 31 -0.21 -0.56 -19.17
CA GLY A 31 0.22 0.74 -18.65
C GLY A 31 -0.75 1.53 -17.77
N LEU A 32 -1.64 0.86 -17.05
CA LEU A 32 -2.54 1.53 -16.10
C LEU A 32 -1.71 2.12 -14.95
N LYS A 33 -1.87 3.42 -14.71
CA LYS A 33 -1.03 4.16 -13.75
C LYS A 33 -1.81 4.77 -12.57
N GLY A 34 -1.08 5.31 -11.61
CA GLY A 34 -1.62 5.99 -10.45
C GLY A 34 -2.20 5.06 -9.39
N VAL A 35 -1.93 3.75 -9.51
CA VAL A 35 -2.52 2.76 -8.61
C VAL A 35 -1.50 1.72 -8.17
N GLU A 36 -1.68 1.20 -6.98
CA GLU A 36 -0.86 0.10 -6.52
C GLU A 36 -1.56 -1.22 -6.82
N PHE A 37 -0.80 -2.17 -7.38
CA PHE A 37 -1.31 -3.48 -7.73
C PHE A 37 -0.92 -4.51 -6.68
N ILE A 38 -1.93 -5.25 -6.23
CA ILE A 38 -1.80 -6.27 -5.22
C ILE A 38 -2.35 -7.57 -5.76
N ALA A 39 -1.51 -8.61 -5.80
CA ALA A 39 -1.91 -9.94 -6.22
C ALA A 39 -2.01 -10.85 -5.03
N ILE A 40 -3.16 -11.50 -4.88
CA ILE A 40 -3.38 -12.50 -3.84
C ILE A 40 -3.83 -13.80 -4.50
N ASN A 41 -3.15 -14.89 -4.19
CA ASN A 41 -3.45 -16.18 -4.80
C ASN A 41 -2.99 -17.31 -3.90
N THR A 42 -3.40 -18.52 -4.25
CA THR A 42 -2.99 -19.74 -3.55
C THR A 42 -1.98 -20.53 -4.41
N ASP A 43 -1.05 -19.81 -5.04
CA ASP A 43 -0.11 -20.40 -6.00
C ASP A 43 1.15 -19.53 -6.13
N ALA A 44 2.21 -19.92 -5.42
CA ALA A 44 3.42 -19.10 -5.34
C ALA A 44 4.13 -18.92 -6.69
N GLN A 45 4.07 -19.95 -7.54
CA GLN A 45 4.75 -19.92 -8.84
C GLN A 45 4.07 -18.88 -9.75
N ALA A 46 2.73 -18.92 -9.80
CA ALA A 46 1.94 -17.92 -10.53
C ALA A 46 2.30 -16.53 -10.03
N LEU A 47 2.26 -16.33 -8.71
CA LEU A 47 2.65 -15.04 -8.11
C LEU A 47 4.04 -14.60 -8.51
N LEU A 48 4.98 -15.54 -8.57
CA LEU A 48 6.37 -15.23 -8.95
C LEU A 48 6.43 -14.57 -10.31
N MET A 49 5.57 -15.01 -11.21
CA MET A 49 5.50 -14.47 -12.56
C MET A 49 4.79 -13.10 -12.62
N SER A 50 4.01 -12.76 -11.60
CA SER A 50 3.27 -11.50 -11.58
C SER A 50 4.20 -10.29 -11.41
N ASP A 51 3.82 -9.19 -12.05
CA ASP A 51 4.54 -7.92 -11.95
C ASP A 51 3.89 -6.97 -10.93
N ALA A 52 2.88 -7.45 -10.22
CA ALA A 52 2.23 -6.68 -9.18
C ALA A 52 3.22 -6.17 -8.14
N ASP A 53 2.90 -5.00 -7.58
CA ASP A 53 3.74 -4.33 -6.60
C ASP A 53 3.80 -5.11 -5.29
N VAL A 54 2.67 -5.73 -4.93
CA VAL A 54 2.56 -6.51 -3.72
C VAL A 54 2.00 -7.89 -4.08
N LYS A 55 2.59 -8.94 -3.52
CA LYS A 55 2.18 -10.33 -3.78
C LYS A 55 2.08 -11.12 -2.50
N LEU A 56 0.88 -11.64 -2.24
CA LEU A 56 0.61 -12.41 -1.03
C LEU A 56 0.12 -13.80 -1.39
N ASP A 57 0.84 -14.81 -0.90
CA ASP A 57 0.50 -16.21 -1.10
C ASP A 57 -0.28 -16.67 0.13
N VAL A 58 -1.51 -17.12 -0.08
CA VAL A 58 -2.36 -17.50 1.05
C VAL A 58 -2.77 -19.00 0.99
N GLY A 59 -3.31 -19.50 2.11
CA GLY A 59 -3.75 -20.89 2.22
C GLY A 59 -2.69 -21.93 1.86
N ARG A 60 -1.48 -21.74 2.35
CA ARG A 60 -0.37 -22.65 1.99
C ARG A 60 -0.49 -24.04 2.63
N ASP A 61 -1.08 -24.12 3.82
CA ASP A 61 -1.26 -25.42 4.49
C ASP A 61 -2.35 -26.29 3.82
N SER A 62 -3.46 -25.66 3.43
CA SER A 62 -4.50 -26.35 2.65
C SER A 62 -3.97 -26.62 1.23
N ALA A 70 -11.31 -26.55 -6.92
CA ALA A 70 -11.69 -25.12 -7.05
C ALA A 70 -12.88 -24.81 -6.12
N ASP A 71 -12.63 -24.93 -4.81
CA ASP A 71 -13.65 -24.87 -3.78
C ASP A 71 -13.67 -23.46 -3.13
N PRO A 72 -14.75 -22.70 -3.35
CA PRO A 72 -14.88 -21.35 -2.76
C PRO A 72 -14.65 -21.27 -1.25
N GLU A 73 -15.08 -22.30 -0.51
CA GLU A 73 -14.86 -22.35 0.95
C GLU A 73 -13.42 -22.41 1.37
N VAL A 74 -12.62 -23.17 0.62
CA VAL A 74 -11.19 -23.22 0.83
C VAL A 74 -10.60 -21.82 0.57
N GLY A 75 -11.07 -21.17 -0.48
CA GLY A 75 -10.64 -19.82 -0.79
C GLY A 75 -11.08 -18.79 0.25
N ARG A 76 -12.26 -18.97 0.83
CA ARG A 76 -12.75 -18.06 1.88
C ARG A 76 -11.87 -18.14 3.14
N LYS A 77 -11.55 -19.38 3.52
CA LYS A 77 -10.80 -19.66 4.74
C LYS A 77 -9.33 -19.24 4.62
N ALA A 78 -8.73 -19.41 3.45
CA ALA A 78 -7.37 -18.96 3.19
C ALA A 78 -7.27 -17.43 3.37
N ALA A 79 -8.22 -16.70 2.80
CA ALA A 79 -8.30 -15.24 2.96
C ALA A 79 -8.60 -14.80 4.40
N GLU A 80 -9.59 -15.42 5.03
CA GLU A 80 -9.91 -15.17 6.46
C GLU A 80 -8.70 -15.41 7.34
N ASP A 81 -8.01 -16.52 7.13
CA ASP A 81 -6.78 -16.83 7.88
C ASP A 81 -5.70 -15.77 7.74
N ALA A 82 -5.66 -15.09 6.59
CA ALA A 82 -4.68 -14.07 6.31
C ALA A 82 -5.26 -12.66 6.43
N LYS A 83 -6.38 -12.51 7.13
CA LYS A 83 -7.07 -11.22 7.17
C LYS A 83 -6.27 -10.05 7.78
N ASP A 84 -5.46 -10.32 8.82
CA ASP A 84 -4.64 -9.24 9.44
C ASP A 84 -3.60 -8.74 8.47
N GLU A 85 -2.99 -9.69 7.79
CA GLU A 85 -2.01 -9.43 6.78
C GLU A 85 -2.64 -8.63 5.61
N ILE A 86 -3.82 -9.02 5.14
CA ILE A 86 -4.51 -8.31 4.06
C ILE A 86 -4.87 -6.87 4.47
N GLU A 87 -5.39 -6.70 5.69
CA GLU A 87 -5.72 -5.40 6.23
C GLU A 87 -4.48 -4.50 6.32
N GLU A 88 -3.35 -5.08 6.66
CA GLU A 88 -2.14 -4.31 6.79
C GLU A 88 -1.70 -3.80 5.41
N LEU A 89 -1.92 -4.58 4.38
CA LEU A 89 -1.62 -4.18 3.01
C LEU A 89 -2.57 -3.08 2.50
N LEU A 90 -3.81 -3.07 3.01
CA LEU A 90 -4.81 -2.08 2.55
C LEU A 90 -4.90 -0.79 3.37
N ARG A 91 -4.45 -0.81 4.63
CA ARG A 91 -4.35 0.40 5.48
C ARG A 91 -3.79 1.58 4.70
N GLY A 92 -4.48 2.71 4.75
CA GLY A 92 -4.07 3.90 4.04
C GLY A 92 -4.71 4.15 2.68
N ALA A 93 -5.41 3.15 2.14
CA ALA A 93 -6.07 3.30 0.85
C ALA A 93 -7.34 4.10 0.98
N ASP A 94 -7.49 5.09 0.10
CA ASP A 94 -8.77 5.81 -0.05
C ASP A 94 -9.78 4.99 -0.82
N MET A 95 -9.26 4.21 -1.75
CA MET A 95 -10.06 3.44 -2.66
C MET A 95 -9.43 2.07 -2.91
N VAL A 96 -10.26 1.03 -2.82
CA VAL A 96 -9.80 -0.33 -3.08
C VAL A 96 -10.66 -0.98 -4.13
N PHE A 97 -10.03 -1.51 -5.17
CA PHE A 97 -10.71 -2.32 -6.18
C PHE A 97 -10.42 -3.77 -5.85
N VAL A 98 -11.44 -4.61 -5.91
CA VAL A 98 -11.31 -6.04 -5.69
C VAL A 98 -11.76 -6.72 -6.99
N THR A 99 -10.83 -7.33 -7.71
CA THR A 99 -11.10 -7.96 -9.01
C THR A 99 -10.86 -9.48 -8.95
N ALA A 100 -11.70 -10.21 -9.66
CA ALA A 100 -11.62 -11.64 -9.71
C ALA A 100 -12.44 -12.15 -10.86
N GLY A 101 -12.11 -13.37 -11.28
CA GLY A 101 -12.98 -14.14 -12.15
C GLY A 101 -13.81 -15.07 -11.29
N GLU A 102 -15.09 -14.72 -11.10
CA GLU A 102 -15.98 -15.53 -10.29
C GLU A 102 -16.21 -16.92 -10.91
N GLY A 103 -16.36 -17.92 -10.06
CA GLY A 103 -16.59 -19.29 -10.48
C GLY A 103 -15.56 -20.30 -9.96
N GLY A 104 -14.32 -19.85 -9.78
CA GLY A 104 -13.28 -20.71 -9.18
C GLY A 104 -13.38 -20.72 -7.65
N GLY A 105 -12.29 -21.10 -6.99
CA GLY A 105 -12.27 -21.19 -5.53
C GLY A 105 -11.71 -19.98 -4.80
N THR A 106 -10.50 -19.57 -5.16
CA THR A 106 -9.77 -18.49 -4.46
C THR A 106 -10.43 -17.12 -4.69
N GLY A 107 -10.77 -16.83 -5.94
CA GLY A 107 -11.45 -15.57 -6.26
C GLY A 107 -12.84 -15.51 -5.65
N THR A 108 -13.67 -16.48 -5.98
CA THR A 108 -15.05 -16.55 -5.45
C THR A 108 -15.09 -16.40 -3.92
N GLY A 109 -14.35 -17.27 -3.23
CA GLY A 109 -14.34 -17.30 -1.77
C GLY A 109 -13.61 -16.18 -1.11
N GLY A 110 -12.51 -15.73 -1.71
CA GLY A 110 -11.62 -14.72 -1.13
C GLY A 110 -11.99 -13.27 -1.35
N ALA A 111 -12.56 -12.97 -2.50
CA ALA A 111 -12.90 -11.58 -2.82
C ALA A 111 -13.77 -10.86 -1.76
N PRO A 112 -14.83 -11.51 -1.23
CA PRO A 112 -15.63 -10.87 -0.17
C PRO A 112 -14.87 -10.54 1.10
N VAL A 113 -13.87 -11.36 1.43
CA VAL A 113 -13.04 -11.12 2.61
C VAL A 113 -12.27 -9.84 2.41
N VAL A 114 -11.62 -9.71 1.25
CA VAL A 114 -10.81 -8.54 0.93
C VAL A 114 -11.66 -7.27 0.95
N ALA A 115 -12.81 -7.35 0.30
CA ALA A 115 -13.74 -6.22 0.22
C ALA A 115 -14.26 -5.81 1.60
N SER A 116 -14.58 -6.79 2.45
CA SER A 116 -15.06 -6.48 3.82
C SER A 116 -14.05 -5.72 4.59
N ILE A 117 -12.79 -6.12 4.47
CA ILE A 117 -11.70 -5.50 5.17
C ILE A 117 -11.55 -4.08 4.70
N ALA A 118 -11.55 -3.90 3.37
CA ALA A 118 -11.42 -2.56 2.77
C ALA A 118 -12.54 -1.63 3.24
N ARG A 119 -13.76 -2.16 3.24
CA ARG A 119 -14.94 -1.43 3.64
C ARG A 119 -14.92 -1.09 5.15
N LYS A 120 -14.51 -2.03 5.99
CA LYS A 120 -14.32 -1.77 7.42
C LYS A 120 -13.35 -0.60 7.64
N LEU A 121 -12.25 -0.60 6.88
CA LEU A 121 -11.26 0.49 6.93
C LEU A 121 -11.80 1.83 6.39
N GLY A 122 -13.01 1.82 5.82
CA GLY A 122 -13.64 3.04 5.29
C GLY A 122 -13.19 3.42 3.89
N ALA A 123 -12.45 2.56 3.20
CA ALA A 123 -12.06 2.81 1.81
C ALA A 123 -13.30 2.68 0.90
N LEU A 124 -13.38 3.55 -0.10
CA LEU A 124 -14.37 3.39 -1.16
C LEU A 124 -14.02 2.05 -1.83
N THR A 125 -14.96 1.11 -1.76
CA THR A 125 -14.70 -0.29 -2.12
C THR A 125 -15.51 -0.72 -3.36
N VAL A 126 -14.79 -0.96 -4.45
CA VAL A 126 -15.40 -1.32 -5.72
C VAL A 126 -14.98 -2.70 -6.16
N GLY A 127 -15.95 -3.58 -6.34
CA GLY A 127 -15.71 -4.86 -6.91
C GLY A 127 -15.90 -4.74 -8.40
N VAL A 128 -15.00 -5.38 -9.15
CA VAL A 128 -15.15 -5.52 -10.60
C VAL A 128 -14.83 -6.99 -10.92
N VAL A 129 -15.86 -7.76 -11.29
CA VAL A 129 -15.73 -9.18 -11.53
C VAL A 129 -16.44 -9.65 -12.79
N THR A 130 -15.94 -10.74 -13.36
CA THR A 130 -16.62 -11.41 -14.45
C THR A 130 -17.48 -12.56 -13.93
N ARG A 131 -18.61 -12.82 -14.59
CA ARG A 131 -19.34 -14.11 -14.48
C ARG A 131 -18.75 -15.04 -15.49
N PRO A 132 -18.65 -16.34 -15.18
CA PRO A 132 -17.99 -17.22 -16.15
C PRO A 132 -18.82 -17.42 -17.44
N PHE A 133 -18.18 -17.83 -18.51
CA PHE A 133 -18.92 -18.20 -19.70
C PHE A 133 -19.74 -19.44 -19.37
N SER A 134 -20.94 -19.50 -19.94
CA SER A 134 -21.83 -20.66 -19.82
C SER A 134 -21.13 -21.97 -20.13
N PHE A 135 -20.23 -21.98 -21.11
CA PHE A 135 -19.51 -23.21 -21.49
C PHE A 135 -18.55 -23.74 -20.42
N GLU A 136 -18.25 -22.93 -19.39
CA GLU A 136 -17.41 -23.37 -18.26
C GLU A 136 -18.13 -24.31 -17.29
N GLY A 137 -19.45 -24.46 -17.43
CA GLY A 137 -20.22 -25.42 -16.64
C GLY A 137 -21.09 -24.87 -15.51
N LYS A 138 -22.08 -25.67 -15.08
CA LYS A 138 -23.08 -25.16 -14.13
C LYS A 138 -22.55 -24.94 -12.72
N ARG A 139 -21.53 -25.70 -12.33
CA ARG A 139 -20.92 -25.56 -11.02
C ARG A 139 -20.17 -24.24 -10.89
N ARG A 140 -19.37 -23.88 -11.89
CA ARG A 140 -18.68 -22.58 -11.88
C ARG A 140 -19.68 -21.43 -11.92
N SER A 141 -20.76 -21.61 -12.65
CA SER A 141 -21.81 -20.60 -12.74
C SER A 141 -22.54 -20.44 -11.40
N ASN A 142 -22.91 -21.55 -10.76
CA ASN A 142 -23.57 -21.54 -9.43
C ASN A 142 -22.67 -20.94 -8.36
N GLN A 143 -21.39 -21.31 -8.41
CA GLN A 143 -20.40 -20.80 -7.47
C GLN A 143 -20.17 -19.32 -7.65
N ALA A 144 -20.09 -18.87 -8.91
CA ALA A 144 -19.94 -17.43 -9.23
C ALA A 144 -21.13 -16.61 -8.69
N GLU A 145 -22.31 -17.20 -8.72
CA GLU A 145 -23.52 -16.54 -8.32
C GLU A 145 -23.56 -16.31 -6.78
N ASN A 146 -23.12 -17.33 -6.03
CA ASN A 146 -22.99 -17.24 -4.57
C ASN A 146 -21.87 -16.26 -4.18
N GLY A 147 -20.73 -16.34 -4.86
CA GLY A 147 -19.64 -15.40 -4.66
C GLY A 147 -20.02 -13.95 -4.96
N ILE A 148 -20.87 -13.75 -5.96
CA ILE A 148 -21.32 -12.43 -6.34
C ILE A 148 -22.25 -11.81 -5.28
N ALA A 149 -23.19 -12.61 -4.78
CA ALA A 149 -24.06 -12.18 -3.70
C ALA A 149 -23.26 -11.83 -2.45
N ALA A 150 -22.25 -12.65 -2.16
CA ALA A 150 -21.39 -12.42 -1.02
C ALA A 150 -20.60 -11.11 -1.18
N LEU A 151 -19.99 -10.93 -2.35
CA LEU A 151 -19.20 -9.74 -2.66
C LEU A 151 -20.05 -8.46 -2.69
N ARG A 152 -21.31 -8.61 -3.10
CA ARG A 152 -22.28 -7.51 -3.14
C ARG A 152 -22.51 -6.88 -1.77
N GLU A 153 -22.65 -7.72 -0.75
CA GLU A 153 -22.83 -7.29 0.64
C GLU A 153 -21.64 -6.47 1.15
N SER A 154 -20.43 -6.77 0.67
CA SER A 154 -19.21 -6.12 1.19
C SER A 154 -18.61 -5.02 0.28
N CYS A 155 -19.31 -4.63 -0.79
CA CYS A 155 -18.82 -3.61 -1.71
C CYS A 155 -19.71 -2.37 -1.73
N ASP A 156 -19.12 -1.20 -1.86
CA ASP A 156 -19.90 0.01 -2.16
C ASP A 156 -20.62 -0.17 -3.50
N THR A 157 -19.85 -0.55 -4.50
CA THR A 157 -20.34 -0.83 -5.83
C THR A 157 -19.72 -2.13 -6.26
N LEU A 158 -20.53 -3.03 -6.81
CA LEU A 158 -20.03 -4.23 -7.44
C LEU A 158 -20.40 -4.21 -8.89
N ILE A 159 -19.39 -4.08 -9.76
CA ILE A 159 -19.58 -4.14 -11.21
C ILE A 159 -19.39 -5.59 -11.63
N VAL A 160 -20.42 -6.15 -12.24
CA VAL A 160 -20.41 -7.52 -12.71
C VAL A 160 -20.46 -7.53 -14.23
N ILE A 161 -19.51 -8.23 -14.81
CA ILE A 161 -19.38 -8.36 -16.26
C ILE A 161 -19.73 -9.80 -16.67
N PRO A 162 -20.84 -9.97 -17.39
CA PRO A 162 -21.21 -11.27 -17.91
C PRO A 162 -20.34 -11.66 -19.12
N ASN A 163 -19.44 -12.62 -18.91
CA ASN A 163 -18.57 -13.05 -20.01
C ASN A 163 -19.34 -13.47 -21.27
N ASP A 164 -20.50 -14.09 -21.10
CA ASP A 164 -21.37 -14.45 -22.24
C ASP A 164 -21.59 -13.27 -23.19
N ARG A 165 -21.79 -12.08 -22.63
CA ARG A 165 -22.04 -10.87 -23.43
C ARG A 165 -20.82 -10.38 -24.20
N LEU A 166 -19.62 -10.78 -23.79
CA LEU A 166 -18.39 -10.43 -24.52
C LEU A 166 -18.32 -11.07 -25.87
N LEU A 167 -19.02 -12.19 -26.04
CA LEU A 167 -19.01 -12.94 -27.30
C LEU A 167 -19.96 -12.33 -28.33
N GLN A 168 -20.86 -11.46 -27.90
CA GLN A 168 -21.71 -10.68 -28.81
C GLN A 168 -20.96 -9.44 -29.33
N MET A 169 -19.70 -9.28 -28.91
CA MET A 169 -18.80 -8.23 -29.38
C MET A 169 -17.54 -8.92 -29.93
N GLY A 170 -16.54 -8.14 -30.34
CA GLY A 170 -15.26 -8.69 -30.81
C GLY A 170 -15.39 -9.52 -32.09
N ASP A 171 -14.47 -10.47 -32.28
CA ASP A 171 -14.40 -11.28 -33.52
C ASP A 171 -15.19 -12.59 -33.41
N ALA A 172 -15.89 -12.95 -34.49
CA ALA A 172 -16.70 -14.17 -34.52
C ALA A 172 -15.85 -15.46 -34.58
N ALA A 173 -14.63 -15.35 -35.08
CA ALA A 173 -13.69 -16.49 -35.13
C ALA A 173 -12.74 -16.50 -33.90
N VAL A 174 -13.18 -15.87 -32.83
CA VAL A 174 -12.44 -15.80 -31.59
C VAL A 174 -12.14 -17.21 -31.02
N SER A 175 -10.87 -17.42 -30.64
CA SER A 175 -10.45 -18.65 -29.99
C SER A 175 -10.75 -18.59 -28.49
N LEU A 176 -10.55 -19.70 -27.81
CA LEU A 176 -10.83 -19.78 -26.37
C LEU A 176 -9.92 -18.82 -25.58
N MET A 177 -8.62 -18.83 -25.89
CA MET A 177 -7.66 -17.87 -25.29
C MET A 177 -8.06 -16.42 -25.53
N ASP A 178 -8.44 -16.09 -26.76
CA ASP A 178 -8.89 -14.72 -27.10
C ASP A 178 -10.11 -14.29 -26.27
N ALA A 179 -11.00 -15.22 -25.97
CA ALA A 179 -12.20 -14.94 -25.21
C ALA A 179 -11.86 -14.61 -23.75
N PHE A 180 -10.93 -15.35 -23.16
CA PHE A 180 -10.50 -15.06 -21.80
C PHE A 180 -9.65 -13.79 -21.70
N ARG A 181 -8.84 -13.52 -22.73
CA ARG A 181 -8.09 -12.26 -22.77
C ARG A 181 -9.04 -11.08 -22.82
N SER A 182 -10.14 -11.24 -23.58
CA SER A 182 -11.20 -10.23 -23.64
C SER A 182 -11.83 -9.98 -22.28
N ALA A 183 -11.98 -11.03 -21.48
CA ALA A 183 -12.52 -10.90 -20.12
C ALA A 183 -11.54 -10.09 -19.26
N ASP A 184 -10.27 -10.40 -19.36
CA ASP A 184 -9.25 -9.63 -18.65
C ASP A 184 -9.30 -8.16 -19.04
N GLU A 185 -9.37 -7.91 -20.34
CA GLU A 185 -9.41 -6.57 -20.89
C GLU A 185 -10.57 -5.74 -20.37
N VAL A 186 -11.76 -6.33 -20.33
CA VAL A 186 -12.96 -5.64 -19.85
C VAL A 186 -12.85 -5.34 -18.35
N LEU A 187 -12.20 -6.21 -17.58
CA LEU A 187 -11.93 -5.93 -16.17
C LEU A 187 -11.00 -4.72 -16.06
N LEU A 188 -9.92 -4.71 -16.84
CA LEU A 188 -9.08 -3.51 -16.98
C LEU A 188 -9.93 -2.27 -17.32
N ASN A 189 -10.77 -2.37 -18.35
CA ASN A 189 -11.63 -1.24 -18.79
C ASN A 189 -12.48 -0.67 -17.65
N GLY A 190 -13.03 -1.57 -16.83
CA GLY A 190 -13.86 -1.19 -15.68
C GLY A 190 -13.09 -0.46 -14.60
N VAL A 191 -11.88 -0.94 -14.31
CA VAL A 191 -11.00 -0.29 -13.35
C VAL A 191 -10.53 1.06 -13.90
N GLN A 192 -9.88 1.03 -15.07
CA GLN A 192 -9.29 2.23 -15.69
C GLN A 192 -10.29 3.35 -16.04
N GLY A 193 -11.48 2.96 -16.48
CA GLY A 193 -12.53 3.93 -16.75
C GLY A 193 -12.78 4.81 -15.54
N ILE A 194 -12.68 4.22 -14.35
CA ILE A 194 -12.88 4.97 -13.10
C ILE A 194 -11.57 5.63 -12.64
N THR A 195 -10.52 4.84 -12.46
CA THR A 195 -9.30 5.38 -11.85
C THR A 195 -8.67 6.53 -12.63
N ASP A 196 -8.70 6.46 -13.97
CA ASP A 196 -8.09 7.53 -14.79
C ASP A 196 -8.74 8.92 -14.62
N LEU A 197 -10.02 8.96 -14.25
CA LEU A 197 -10.70 10.25 -13.91
C LEU A 197 -9.95 10.96 -12.81
N ILE A 198 -9.46 10.18 -11.87
CA ILE A 198 -8.80 10.65 -10.66
C ILE A 198 -7.31 10.88 -10.88
N THR A 199 -6.67 10.01 -11.66
CA THR A 199 -5.22 10.08 -11.81
C THR A 199 -4.75 10.88 -13.00
N THR A 200 -5.56 10.99 -14.05
CA THR A 200 -5.13 11.68 -15.27
C THR A 200 -6.34 12.40 -15.95
N PRO A 201 -6.96 13.34 -15.21
CA PRO A 201 -8.15 14.04 -15.66
C PRO A 201 -7.95 14.92 -16.88
N GLY A 202 -9.00 15.06 -17.67
CA GLY A 202 -9.00 15.97 -18.82
C GLY A 202 -9.61 17.31 -18.47
N LEU A 203 -10.24 17.93 -19.45
CA LEU A 203 -10.88 19.27 -19.31
C LEU A 203 -11.92 19.32 -18.22
N ILE A 204 -12.62 18.20 -18.03
CA ILE A 204 -13.61 18.09 -16.97
C ILE A 204 -13.06 17.13 -15.94
N ASN A 205 -12.59 17.72 -14.85
CA ASN A 205 -11.94 17.01 -13.76
C ASN A 205 -12.99 16.48 -12.77
N VAL A 206 -13.20 15.17 -12.78
CA VAL A 206 -14.03 14.52 -11.79
C VAL A 206 -13.07 13.84 -10.81
N ASP A 207 -13.02 14.36 -9.58
CA ASP A 207 -12.00 13.94 -8.61
C ASP A 207 -12.52 12.87 -7.65
N PHE A 208 -11.71 12.49 -6.67
CA PHE A 208 -12.06 11.38 -5.78
C PHE A 208 -13.37 11.61 -5.02
N ALA A 209 -13.54 12.81 -4.49
CA ALA A 209 -14.75 13.12 -3.72
C ALA A 209 -16.03 12.94 -4.56
N ASP A 210 -15.96 13.35 -5.83
CA ASP A 210 -17.09 13.18 -6.76
C ASP A 210 -17.41 11.72 -7.00
N VAL A 211 -16.37 10.94 -7.29
CA VAL A 211 -16.49 9.51 -7.53
C VAL A 211 -17.08 8.84 -6.29
N LYS A 212 -16.54 9.19 -5.12
CA LYS A 212 -16.99 8.64 -3.86
C LYS A 212 -18.48 8.94 -3.63
N GLY A 213 -18.91 10.15 -3.96
CA GLY A 213 -20.30 10.56 -3.82
C GLY A 213 -21.27 9.68 -4.60
N ILE A 214 -20.92 9.35 -5.82
CA ILE A 214 -21.82 8.54 -6.66
C ILE A 214 -21.65 7.01 -6.50
N MET A 215 -20.46 6.54 -6.08
CA MET A 215 -20.20 5.08 -5.95
C MET A 215 -20.41 4.51 -4.53
N SER A 216 -20.44 5.39 -3.52
CA SER A 216 -20.72 4.98 -2.13
C SER A 216 -22.11 4.40 -1.98
N GLY A 217 -22.18 3.20 -1.41
CA GLY A 217 -23.43 2.46 -1.28
C GLY A 217 -24.29 2.36 -2.56
N ALA A 218 -23.69 2.44 -3.75
CA ALA A 218 -24.48 2.38 -5.00
C ALA A 218 -24.97 0.96 -5.30
N GLY A 219 -24.24 -0.04 -4.82
CA GLY A 219 -24.69 -1.43 -4.96
C GLY A 219 -24.27 -2.08 -6.26
N THR A 220 -25.14 -2.93 -6.80
CA THR A 220 -24.78 -3.70 -7.96
C THR A 220 -24.85 -2.81 -9.22
N ALA A 221 -23.90 -3.05 -10.12
CA ALA A 221 -23.71 -2.19 -11.27
C ALA A 221 -23.30 -2.96 -12.51
N LEU A 222 -23.53 -2.34 -13.65
CA LEU A 222 -23.18 -2.87 -14.94
C LEU A 222 -22.34 -1.82 -15.67
N MET A 223 -21.51 -2.27 -16.60
CA MET A 223 -20.73 -1.34 -17.38
C MET A 223 -20.93 -1.52 -18.87
N GLY A 224 -20.65 -0.44 -19.58
CA GLY A 224 -20.68 -0.40 -21.04
C GLY A 224 -19.48 0.40 -21.54
N ILE A 225 -18.94 -0.03 -22.66
CA ILE A 225 -17.75 0.59 -23.23
C ILE A 225 -17.93 0.76 -24.73
N GLY A 226 -17.41 1.86 -25.25
CA GLY A 226 -17.43 2.13 -26.68
C GLY A 226 -16.23 2.95 -27.07
N SER A 227 -15.76 2.74 -28.28
CA SER A 227 -14.74 3.59 -28.81
C SER A 227 -14.94 3.81 -30.28
N ALA A 228 -14.35 4.89 -30.78
CA ALA A 228 -14.53 5.33 -32.13
C ALA A 228 -13.44 6.35 -32.48
N ARG A 229 -13.28 6.59 -33.78
CA ARG A 229 -12.30 7.51 -34.32
C ARG A 229 -12.97 8.40 -35.34
N GLY A 230 -12.32 9.50 -35.69
CA GLY A 230 -12.77 10.35 -36.77
C GLY A 230 -14.05 11.12 -36.47
N GLU A 231 -14.80 11.39 -37.53
CA GLU A 231 -15.95 12.28 -37.47
C GLU A 231 -17.05 11.73 -36.59
N GLY A 232 -17.49 12.54 -35.61
CA GLY A 232 -18.55 12.15 -34.67
C GLY A 232 -18.14 11.00 -33.75
N ARG A 233 -16.84 10.87 -33.53
CA ARG A 233 -16.26 9.79 -32.72
C ARG A 233 -16.90 9.71 -31.31
N SER A 234 -17.13 10.86 -30.69
CA SER A 234 -17.67 10.91 -29.32
C SER A 234 -19.11 10.44 -29.23
N LEU A 235 -19.95 10.90 -30.16
CA LEU A 235 -21.33 10.39 -30.26
C LEU A 235 -21.37 8.89 -30.52
N LYS A 236 -20.49 8.40 -31.38
CA LYS A 236 -20.49 6.99 -31.76
C LYS A 236 -20.02 6.11 -30.60
N ALA A 237 -18.92 6.49 -29.96
CA ALA A 237 -18.40 5.77 -28.79
C ALA A 237 -19.44 5.74 -27.64
N ALA A 238 -20.12 6.87 -27.42
CA ALA A 238 -21.11 6.95 -26.37
C ALA A 238 -22.34 6.10 -26.69
N GLU A 239 -22.73 6.07 -27.96
CA GLU A 239 -23.86 5.26 -28.40
C GLU A 239 -23.52 3.76 -28.26
N ILE A 240 -22.31 3.38 -28.66
CA ILE A 240 -21.84 2.01 -28.52
C ILE A 240 -21.84 1.61 -27.03
N ALA A 241 -21.32 2.48 -26.18
CA ALA A 241 -21.26 2.21 -24.73
C ALA A 241 -22.67 2.08 -24.11
N ILE A 242 -23.56 3.01 -24.48
CA ILE A 242 -24.95 3.01 -24.02
C ILE A 242 -25.70 1.71 -24.39
N ASN A 243 -25.38 1.17 -25.56
CA ASN A 243 -26.05 -0.04 -26.08
C ASN A 243 -25.22 -1.30 -25.87
N SER A 244 -24.13 -1.20 -25.12
CA SER A 244 -23.26 -2.34 -24.88
C SER A 244 -24.08 -3.53 -24.39
N PRO A 245 -23.88 -4.71 -25.00
CA PRO A 245 -24.49 -5.94 -24.45
C PRO A 245 -24.16 -6.19 -22.95
N LEU A 246 -23.04 -5.65 -22.49
CA LEU A 246 -22.63 -5.80 -21.09
C LEU A 246 -23.59 -5.01 -20.15
N LEU A 247 -24.25 -3.98 -20.69
CA LEU A 247 -25.24 -3.21 -19.92
C LEU A 247 -26.58 -3.91 -19.78
N GLU A 248 -26.78 -4.98 -20.56
CA GLU A 248 -27.98 -5.81 -20.49
C GLU A 248 -29.26 -5.00 -20.67
N ALA A 249 -29.15 -3.97 -21.52
CA ALA A 249 -30.25 -3.06 -21.84
C ALA A 249 -30.92 -2.51 -20.59
N SER A 250 -30.11 -2.16 -19.60
CA SER A 250 -30.62 -1.67 -18.30
C SER A 250 -30.25 -0.21 -18.06
N MET A 251 -29.76 0.45 -19.10
CA MET A 251 -29.35 1.85 -19.03
C MET A 251 -30.54 2.76 -18.67
N GLU A 252 -31.70 2.49 -19.27
CA GLU A 252 -32.90 3.28 -19.05
C GLU A 252 -33.39 3.23 -17.59
N GLY A 253 -33.11 2.13 -16.89
CA GLY A 253 -33.55 1.97 -15.51
C GLY A 253 -32.58 2.45 -14.43
N ALA A 254 -31.35 2.77 -14.79
CA ALA A 254 -30.33 3.19 -13.82
C ALA A 254 -30.57 4.60 -13.24
N GLN A 255 -30.49 4.70 -11.91
CA GLN A 255 -30.65 5.98 -11.18
C GLN A 255 -29.32 6.69 -10.92
N GLY A 256 -28.23 5.95 -11.10
CA GLY A 256 -26.89 6.48 -10.97
C GLY A 256 -26.06 6.04 -12.16
N VAL A 257 -25.39 7.01 -12.79
CA VAL A 257 -24.49 6.75 -13.91
C VAL A 257 -23.23 7.58 -13.79
N LEU A 258 -22.08 6.93 -13.90
CA LEU A 258 -20.80 7.59 -13.97
C LEU A 258 -20.29 7.35 -15.40
N MET A 259 -20.00 8.43 -16.12
CA MET A 259 -19.49 8.32 -17.48
C MET A 259 -18.10 8.92 -17.56
N SER A 260 -17.22 8.19 -18.20
CA SER A 260 -15.84 8.57 -18.41
C SER A 260 -15.60 8.69 -19.90
N ILE A 261 -15.04 9.80 -20.37
CA ILE A 261 -14.61 9.87 -21.77
C ILE A 261 -13.11 10.17 -21.85
N ALA A 262 -12.37 9.25 -22.48
CA ALA A 262 -10.93 9.38 -22.63
C ALA A 262 -10.56 9.74 -24.08
N GLY A 263 -9.57 10.59 -24.22
CA GLY A 263 -9.05 10.96 -25.51
C GLY A 263 -7.76 11.73 -25.34
N GLY A 264 -7.17 12.12 -26.46
CA GLY A 264 -5.96 12.94 -26.43
C GLY A 264 -6.19 14.34 -25.87
N SER A 265 -5.10 15.09 -25.76
CA SER A 265 -5.15 16.45 -25.24
C SER A 265 -6.02 17.38 -26.10
N ASP A 266 -6.34 16.95 -27.32
CA ASP A 266 -7.20 17.69 -28.25
C ASP A 266 -8.69 17.28 -28.19
N LEU A 267 -9.07 16.48 -27.19
CA LEU A 267 -10.49 16.15 -26.97
C LEU A 267 -11.19 17.46 -26.57
N GLY A 268 -12.12 17.91 -27.41
CA GLY A 268 -12.80 19.19 -27.20
C GLY A 268 -14.10 19.10 -26.39
N LEU A 269 -14.44 20.21 -25.73
CA LEU A 269 -15.65 20.31 -24.90
C LEU A 269 -16.90 20.10 -25.69
N PHE A 270 -16.94 20.63 -26.91
CA PHE A 270 -18.08 20.41 -27.77
C PHE A 270 -18.37 18.91 -27.96
N GLU A 271 -17.35 18.13 -28.30
CA GLU A 271 -17.59 16.69 -28.50
C GLU A 271 -17.83 15.94 -27.19
N ILE A 272 -17.20 16.38 -26.11
CA ILE A 272 -17.49 15.84 -24.77
C ILE A 272 -18.97 16.02 -24.45
N ASN A 273 -19.46 17.22 -24.75
CA ASN A 273 -20.81 17.61 -24.48
C ASN A 273 -21.83 16.86 -25.35
N GLU A 274 -21.50 16.67 -26.61
CA GLU A 274 -22.33 15.86 -27.51
C GLU A 274 -22.55 14.45 -26.96
N ALA A 275 -21.49 13.85 -26.45
CA ALA A 275 -21.59 12.51 -25.84
C ALA A 275 -22.42 12.55 -24.56
N ALA A 276 -22.17 13.55 -23.71
CA ALA A 276 -22.93 13.76 -22.47
C ALA A 276 -24.42 13.93 -22.72
N SER A 277 -24.76 14.74 -23.71
CA SER A 277 -26.16 14.95 -24.10
C SER A 277 -26.85 13.65 -24.52
N LEU A 278 -26.13 12.85 -25.30
CA LEU A 278 -26.64 11.55 -25.78
C LEU A 278 -26.96 10.64 -24.61
N VAL A 279 -26.05 10.58 -23.65
CA VAL A 279 -26.22 9.77 -22.45
C VAL A 279 -27.40 10.24 -21.56
N GLN A 280 -27.58 11.56 -21.39
CA GLN A 280 -28.71 12.11 -20.64
C GLN A 280 -30.04 11.69 -21.26
N ASP A 281 -30.15 11.84 -22.58
CA ASP A 281 -31.37 11.47 -23.30
C ASP A 281 -31.68 9.98 -23.22
N ALA A 282 -30.66 9.14 -23.05
CA ALA A 282 -30.85 7.71 -22.95
C ALA A 282 -31.08 7.24 -21.52
N ALA A 283 -30.82 8.12 -20.56
CA ALA A 283 -30.89 7.74 -19.16
C ALA A 283 -32.30 7.85 -18.60
N HIS A 284 -32.47 7.31 -17.39
CA HIS A 284 -33.68 7.49 -16.64
C HIS A 284 -33.87 9.01 -16.37
N PRO A 285 -35.12 9.49 -16.44
CA PRO A 285 -35.41 10.92 -16.13
C PRO A 285 -34.81 11.44 -14.82
N ASP A 286 -34.84 10.63 -13.78
CA ASP A 286 -34.36 11.02 -12.43
C ASP A 286 -32.92 10.64 -12.13
N ALA A 287 -32.21 10.15 -13.14
CA ALA A 287 -30.83 9.67 -12.95
C ALA A 287 -29.84 10.76 -12.47
N ASN A 288 -29.01 10.39 -11.52
CA ASN A 288 -27.85 11.18 -11.15
C ASN A 288 -26.71 10.76 -12.08
N ILE A 289 -26.27 11.67 -12.95
CA ILE A 289 -25.21 11.34 -13.92
C ILE A 289 -24.03 12.27 -13.79
N ILE A 290 -22.86 11.70 -13.49
CA ILE A 290 -21.60 12.45 -13.43
C ILE A 290 -20.79 12.18 -14.71
N PHE A 291 -20.36 13.28 -15.34
CA PHE A 291 -19.56 13.24 -16.57
C PHE A 291 -18.14 13.68 -16.30
N GLY A 292 -17.17 12.84 -16.66
CA GLY A 292 -15.77 13.14 -16.46
C GLY A 292 -14.95 12.78 -17.69
N THR A 293 -13.73 13.32 -17.72
CA THR A 293 -12.87 13.15 -18.87
C THR A 293 -11.49 12.73 -18.42
N VAL A 294 -10.77 12.09 -19.34
CA VAL A 294 -9.45 11.57 -19.12
C VAL A 294 -8.52 12.06 -20.23
N ILE A 295 -7.30 12.48 -19.89
CA ILE A 295 -6.26 12.74 -20.89
C ILE A 295 -5.54 11.43 -21.11
N ASP A 296 -5.54 10.93 -22.33
CA ASP A 296 -4.73 9.76 -22.68
C ASP A 296 -4.11 9.97 -24.05
N ASP A 297 -2.87 10.47 -24.06
CA ASP A 297 -2.19 10.87 -25.29
C ASP A 297 -1.78 9.70 -26.19
N SER A 298 -1.86 8.47 -25.67
CA SER A 298 -1.61 7.26 -26.46
C SER A 298 -2.79 6.79 -27.35
N LEU A 299 -3.95 7.44 -27.25
CA LEU A 299 -5.15 6.99 -28.02
C LEU A 299 -5.21 7.40 -29.51
N GLY A 300 -4.38 8.37 -29.92
CA GLY A 300 -4.39 8.84 -31.31
C GLY A 300 -5.64 9.63 -31.64
N ASP A 301 -6.33 9.25 -32.72
CA ASP A 301 -7.61 9.89 -33.11
C ASP A 301 -8.84 9.19 -32.46
N GLU A 302 -8.62 8.24 -31.54
CA GLU A 302 -9.77 7.55 -30.96
C GLU A 302 -10.16 8.07 -29.57
N VAL A 303 -11.45 7.95 -29.28
CA VAL A 303 -11.99 8.29 -27.97
C VAL A 303 -12.64 7.05 -27.37
N ARG A 304 -12.55 6.92 -26.05
CA ARG A 304 -13.02 5.75 -25.35
C ARG A 304 -14.02 6.20 -24.26
N VAL A 305 -15.26 5.72 -24.37
CA VAL A 305 -16.32 6.07 -23.43
C VAL A 305 -16.67 4.86 -22.55
N THR A 306 -16.71 5.10 -21.23
CA THR A 306 -17.08 4.06 -20.26
C THR A 306 -18.27 4.58 -19.45
N VAL A 307 -19.28 3.73 -19.30
CA VAL A 307 -20.47 4.03 -18.51
C VAL A 307 -20.61 2.99 -17.41
N ILE A 308 -20.71 3.45 -16.16
CA ILE A 308 -21.04 2.59 -15.03
C ILE A 308 -22.49 2.92 -14.60
N ALA A 309 -23.38 1.94 -14.67
CA ALA A 309 -24.79 2.10 -14.34
C ALA A 309 -25.13 1.37 -13.05
N ALA A 310 -25.79 2.06 -12.11
CA ALA A 310 -26.22 1.50 -10.81
C ALA A 310 -27.63 1.99 -10.42
N GLY A 311 -28.18 1.41 -9.35
CA GLY A 311 -29.48 1.82 -8.80
C GLY A 311 -30.63 1.57 -9.73
N PHE A 312 -30.91 0.29 -9.98
CA PHE A 312 -31.95 -0.12 -10.93
C PHE A 312 -33.34 -0.30 -10.28
N ASN B 6 33.37 -3.38 8.69
CA ASN B 6 34.60 -2.92 9.43
C ASN B 6 34.77 -1.38 9.42
N TYR B 7 34.98 -0.77 8.26
CA TYR B 7 35.14 0.72 8.17
C TYR B 7 33.96 1.44 7.51
N LEU B 8 33.38 0.79 6.51
CA LEU B 8 32.04 1.14 6.06
C LEU B 8 31.13 0.24 6.91
N ALA B 9 30.38 0.83 7.83
CA ALA B 9 29.55 0.08 8.78
C ALA B 9 28.52 -0.79 8.07
N VAL B 10 28.52 -2.09 8.38
CA VAL B 10 27.57 -3.02 7.78
C VAL B 10 26.27 -2.97 8.57
N ILE B 11 25.22 -2.47 7.93
CA ILE B 11 23.90 -2.36 8.57
C ILE B 11 22.89 -3.32 7.91
N LYS B 12 22.21 -4.09 8.75
CA LYS B 12 21.15 -5.02 8.30
C LYS B 12 19.82 -4.64 8.89
N VAL B 13 18.81 -4.57 8.03
CA VAL B 13 17.45 -4.21 8.43
C VAL B 13 16.56 -5.43 8.22
N VAL B 14 16.12 -6.03 9.34
CA VAL B 14 15.32 -7.23 9.34
C VAL B 14 13.83 -6.90 9.56
N GLY B 15 13.01 -7.28 8.59
CA GLY B 15 11.57 -7.20 8.71
C GLY B 15 11.04 -8.59 8.93
N ILE B 16 10.33 -8.78 10.04
CA ILE B 16 9.83 -10.10 10.38
C ILE B 16 8.32 -10.07 10.57
N GLY B 17 7.66 -11.10 10.04
CA GLY B 17 6.20 -11.10 9.99
C GLY B 17 5.69 -10.26 8.83
N GLY B 18 4.38 -10.31 8.60
CA GLY B 18 3.77 -9.58 7.51
C GLY B 18 3.99 -8.09 7.60
N GLY B 19 3.86 -7.53 8.80
CA GLY B 19 4.05 -6.08 9.01
C GLY B 19 5.49 -5.65 8.78
N GLY B 20 6.41 -6.48 9.26
CA GLY B 20 7.83 -6.19 9.14
C GLY B 20 8.33 -6.31 7.72
N VAL B 21 7.88 -7.36 7.03
CA VAL B 21 8.23 -7.56 5.63
C VAL B 21 7.60 -6.44 4.76
N ASN B 22 6.36 -6.07 5.05
CA ASN B 22 5.70 -4.96 4.35
C ASN B 22 6.48 -3.61 4.58
N ALA B 23 6.96 -3.39 5.80
CA ALA B 23 7.80 -2.19 6.10
C ALA B 23 9.08 -2.19 5.30
N VAL B 24 9.76 -3.32 5.25
CA VAL B 24 10.96 -3.49 4.44
C VAL B 24 10.68 -3.25 2.95
N ASN B 25 9.57 -3.79 2.45
CA ASN B 25 9.13 -3.51 1.07
C ASN B 25 8.89 -2.01 0.86
N ARG B 26 8.32 -1.33 1.85
CA ARG B 26 8.12 0.12 1.75
C ARG B 26 9.46 0.87 1.72
N MET B 27 10.40 0.47 2.57
CA MET B 27 11.75 1.06 2.60
C MET B 27 12.50 0.87 1.27
N ILE B 28 12.38 -0.31 0.69
CA ILE B 28 12.99 -0.57 -0.61
C ILE B 28 12.33 0.34 -1.66
N GLU B 29 11.01 0.33 -1.71
CA GLU B 29 10.25 1.16 -2.64
C GLU B 29 10.61 2.66 -2.51
N GLN B 30 10.88 3.13 -1.29
CA GLN B 30 11.26 4.54 -1.10
C GLN B 30 12.76 4.84 -1.31
N GLY B 31 13.56 3.82 -1.65
CA GLY B 31 14.96 4.03 -2.01
C GLY B 31 15.91 4.28 -0.85
N LEU B 32 15.60 3.68 0.30
CA LEU B 32 16.48 3.72 1.46
C LEU B 32 17.78 3.00 1.08
N LYS B 33 18.90 3.71 1.14
CA LYS B 33 20.20 3.19 0.67
C LYS B 33 21.15 2.74 1.81
N GLY B 34 22.19 2.01 1.41
CA GLY B 34 23.33 1.72 2.26
C GLY B 34 23.14 0.64 3.30
N VAL B 35 22.02 -0.07 3.22
CA VAL B 35 21.76 -1.18 4.17
C VAL B 35 21.42 -2.44 3.39
N GLU B 36 21.54 -3.59 4.05
CA GLU B 36 21.06 -4.84 3.52
C GLU B 36 19.67 -5.15 4.12
N PHE B 37 18.71 -5.49 3.27
CA PHE B 37 17.34 -5.80 3.72
C PHE B 37 17.17 -7.30 3.87
N ILE B 38 16.57 -7.73 4.97
CA ILE B 38 16.27 -9.14 5.19
C ILE B 38 14.79 -9.27 5.55
N ALA B 39 14.07 -10.09 4.78
CA ALA B 39 12.65 -10.33 5.01
C ALA B 39 12.49 -11.71 5.59
N ILE B 40 11.89 -11.80 6.77
CA ILE B 40 11.65 -13.09 7.42
C ILE B 40 10.15 -13.36 7.58
N ASN B 41 9.64 -14.29 6.78
CA ASN B 41 8.26 -14.71 6.89
C ASN B 41 8.11 -15.74 8.02
N THR B 42 7.16 -15.50 8.93
CA THR B 42 6.96 -16.34 10.11
C THR B 42 5.62 -17.07 10.15
N ASP B 43 4.84 -17.00 9.09
CA ASP B 43 3.53 -17.65 9.07
C ASP B 43 3.55 -18.88 8.19
N ALA B 44 2.96 -19.96 8.67
CA ALA B 44 2.86 -21.18 7.87
C ALA B 44 1.89 -21.02 6.72
N GLN B 45 0.74 -20.38 6.99
CA GLN B 45 -0.38 -20.36 6.03
C GLN B 45 -0.26 -19.29 4.95
N ALA B 46 0.69 -18.37 5.10
CA ALA B 46 0.81 -17.27 4.17
C ALA B 46 2.24 -16.78 4.04
N LEU B 47 2.53 -16.21 2.88
CA LEU B 47 3.84 -15.62 2.61
C LEU B 47 3.66 -14.31 1.83
N LEU B 48 4.19 -13.23 2.42
CA LEU B 48 4.26 -11.95 1.74
C LEU B 48 5.57 -11.91 0.98
N MET B 49 5.52 -11.81 -0.32
CA MET B 49 6.75 -11.79 -1.11
C MET B 49 7.50 -10.46 -0.94
N SER B 50 8.79 -10.49 -1.25
CA SER B 50 9.66 -9.35 -0.99
C SER B 50 10.76 -9.24 -2.02
N ASP B 51 11.20 -8.01 -2.27
CA ASP B 51 12.36 -7.74 -3.09
C ASP B 51 13.57 -7.50 -2.21
N ALA B 52 13.53 -7.97 -0.96
CA ALA B 52 14.66 -7.87 -0.06
C ALA B 52 15.81 -8.65 -0.63
N ASP B 53 17.01 -8.27 -0.23
CA ASP B 53 18.24 -8.95 -0.64
C ASP B 53 18.19 -10.43 -0.23
N VAL B 54 17.91 -10.65 1.05
CA VAL B 54 17.81 -11.97 1.62
C VAL B 54 16.39 -12.18 2.13
N LYS B 55 15.85 -13.37 1.90
CA LYS B 55 14.54 -13.78 2.38
C LYS B 55 14.71 -15.12 3.08
N LEU B 56 14.02 -15.27 4.19
CA LEU B 56 14.01 -16.53 4.89
C LEU B 56 12.58 -16.77 5.34
N ASP B 57 12.05 -17.94 4.97
CA ASP B 57 10.69 -18.33 5.34
C ASP B 57 10.73 -19.41 6.42
N VAL B 58 10.58 -18.98 7.67
CA VAL B 58 10.61 -19.89 8.81
C VAL B 58 9.21 -20.35 9.21
N GLY B 59 8.20 -20.05 8.39
CA GLY B 59 6.83 -20.47 8.66
C GLY B 59 6.62 -21.98 8.52
N ASP B 71 -0.23 -15.54 16.22
CA ASP B 71 0.25 -15.91 17.56
C ASP B 71 1.79 -15.74 17.72
N PRO B 72 2.21 -14.86 18.64
CA PRO B 72 3.63 -14.64 18.97
C PRO B 72 4.43 -15.90 19.36
N GLU B 73 3.84 -16.75 20.20
CA GLU B 73 4.50 -17.99 20.63
C GLU B 73 4.89 -18.85 19.41
N VAL B 74 3.98 -18.93 18.44
CA VAL B 74 4.24 -19.65 17.20
C VAL B 74 5.40 -19.00 16.46
N GLY B 75 5.39 -17.67 16.41
CA GLY B 75 6.44 -16.90 15.77
C GLY B 75 7.77 -17.06 16.47
N ARG B 76 7.74 -17.08 17.80
CA ARG B 76 8.94 -17.26 18.59
C ARG B 76 9.59 -18.62 18.32
N LYS B 77 8.79 -19.69 18.46
CA LYS B 77 9.26 -21.05 18.21
C LYS B 77 9.79 -21.24 16.79
N ALA B 78 9.10 -20.67 15.81
CA ALA B 78 9.53 -20.76 14.42
C ALA B 78 10.89 -20.09 14.22
N ALA B 79 11.11 -18.96 14.87
CA ALA B 79 12.41 -18.26 14.82
C ALA B 79 13.49 -19.06 15.57
N GLU B 80 13.15 -19.57 16.77
CA GLU B 80 14.07 -20.41 17.55
C GLU B 80 14.53 -21.63 16.72
N ASP B 81 13.59 -22.27 16.02
CA ASP B 81 13.93 -23.42 15.15
C ASP B 81 14.87 -23.07 14.01
N ALA B 82 14.83 -21.82 13.53
CA ALA B 82 15.67 -21.37 12.42
C ALA B 82 16.85 -20.48 12.87
N LYS B 83 17.18 -20.53 14.16
CA LYS B 83 18.23 -19.67 14.73
C LYS B 83 19.63 -19.80 14.09
N ASP B 84 20.00 -21.00 13.67
CA ASP B 84 21.32 -21.21 13.04
C ASP B 84 21.38 -20.51 11.69
N GLU B 85 20.29 -20.58 10.93
CA GLU B 85 20.20 -19.93 9.62
C GLU B 85 20.18 -18.41 9.77
N ILE B 86 19.43 -17.92 10.75
CA ILE B 86 19.32 -16.49 11.03
C ILE B 86 20.65 -15.92 11.49
N GLU B 87 21.38 -16.68 12.31
CA GLU B 87 22.69 -16.27 12.78
C GLU B 87 23.66 -16.10 11.62
N GLU B 88 23.55 -17.00 10.64
CA GLU B 88 24.38 -16.93 9.44
C GLU B 88 24.02 -15.73 8.56
N LEU B 89 22.73 -15.37 8.54
CA LEU B 89 22.28 -14.16 7.81
C LEU B 89 22.82 -12.88 8.43
N LEU B 90 22.91 -12.85 9.77
CA LEU B 90 23.29 -11.64 10.50
C LEU B 90 24.80 -11.51 10.73
N ARG B 91 25.52 -12.63 10.69
CA ARG B 91 26.97 -12.64 10.86
C ARG B 91 27.66 -11.59 10.00
N GLY B 92 28.56 -10.81 10.61
CA GLY B 92 29.25 -9.73 9.92
C GLY B 92 28.71 -8.34 10.18
N ALA B 93 27.44 -8.27 10.59
CA ALA B 93 26.77 -6.98 10.82
C ALA B 93 27.35 -6.19 12.01
N ASP B 94 27.62 -4.91 11.77
CA ASP B 94 27.96 -3.96 12.84
C ASP B 94 26.69 -3.46 13.55
N MET B 95 25.58 -3.47 12.81
CA MET B 95 24.33 -2.95 13.31
C MET B 95 23.18 -3.69 12.67
N VAL B 96 22.20 -4.05 13.50
CA VAL B 96 21.01 -4.74 13.04
C VAL B 96 19.77 -4.04 13.58
N PHE B 97 18.86 -3.68 12.67
CA PHE B 97 17.51 -3.24 13.03
C PHE B 97 16.56 -4.41 12.91
N VAL B 98 15.62 -4.50 13.84
CA VAL B 98 14.60 -5.54 13.83
C VAL B 98 13.25 -4.89 14.04
N THR B 99 12.31 -5.15 13.14
CA THR B 99 10.95 -4.68 13.33
C THR B 99 9.91 -5.66 12.78
N ALA B 100 8.77 -5.71 13.46
CA ALA B 100 7.58 -6.42 12.99
C ALA B 100 6.56 -5.44 12.40
N GLY B 101 6.96 -4.17 12.26
CA GLY B 101 6.15 -3.12 11.64
C GLY B 101 4.83 -2.85 12.35
N GLU B 102 3.80 -2.56 11.56
CA GLU B 102 2.47 -2.30 12.08
C GLU B 102 1.77 -3.65 12.27
N GLY B 103 0.79 -3.71 13.16
CA GLY B 103 0.03 -4.95 13.38
C GLY B 103 0.82 -6.05 14.12
N GLY B 104 0.10 -6.91 14.82
CA GLY B 104 0.70 -7.97 15.61
C GLY B 104 0.96 -9.21 14.78
N GLY B 105 0.75 -10.38 15.40
CA GLY B 105 0.91 -11.65 14.72
C GLY B 105 2.19 -12.32 15.11
N THR B 106 2.59 -13.32 14.32
CA THR B 106 3.77 -14.14 14.61
C THR B 106 5.09 -13.35 14.65
N GLY B 107 5.14 -12.25 13.88
CA GLY B 107 6.31 -11.39 13.85
C GLY B 107 6.71 -10.87 15.23
N THR B 108 5.73 -10.53 16.06
CA THR B 108 6.00 -9.99 17.41
C THR B 108 6.70 -11.02 18.32
N GLY B 109 6.43 -12.31 18.09
CA GLY B 109 7.17 -13.37 18.77
C GLY B 109 8.55 -13.69 18.19
N GLY B 110 8.69 -13.55 16.87
CA GLY B 110 9.96 -13.80 16.18
C GLY B 110 11.01 -12.70 16.33
N ALA B 111 10.55 -11.45 16.42
CA ALA B 111 11.48 -10.33 16.47
C ALA B 111 12.50 -10.38 17.65
N PRO B 112 12.03 -10.63 18.89
CA PRO B 112 12.99 -10.81 20.00
C PRO B 112 14.08 -11.88 19.77
N VAL B 113 13.72 -12.98 19.12
CA VAL B 113 14.68 -14.04 18.81
C VAL B 113 15.77 -13.50 17.87
N VAL B 114 15.36 -12.77 16.84
CA VAL B 114 16.29 -12.19 15.89
C VAL B 114 17.21 -11.18 16.58
N ALA B 115 16.62 -10.33 17.42
CA ALA B 115 17.37 -9.33 18.18
C ALA B 115 18.42 -9.96 19.07
N SER B 116 18.06 -10.96 19.86
CA SER B 116 19.06 -11.60 20.75
C SER B 116 20.17 -12.31 19.98
N ILE B 117 19.86 -12.86 18.81
CA ILE B 117 20.91 -13.48 17.96
C ILE B 117 21.85 -12.42 17.42
N ALA B 118 21.28 -11.34 16.90
CA ALA B 118 22.06 -10.22 16.36
C ALA B 118 23.08 -9.72 17.37
N ARG B 119 22.63 -9.66 18.61
CA ARG B 119 23.34 -9.05 19.69
C ARG B 119 24.39 -9.98 20.33
N LYS B 120 24.01 -11.24 20.52
CA LYS B 120 24.95 -12.29 20.93
C LYS B 120 26.12 -12.32 19.92
N LEU B 121 25.82 -11.99 18.66
CA LEU B 121 26.85 -11.82 17.62
C LEU B 121 27.73 -10.55 17.79
N GLY B 122 27.32 -9.60 18.61
CA GLY B 122 28.09 -8.37 18.81
C GLY B 122 27.60 -7.15 18.03
N ALA B 123 26.58 -7.31 17.18
CA ALA B 123 26.02 -6.19 16.43
C ALA B 123 25.29 -5.26 17.38
N LEU B 124 25.35 -3.95 17.10
CA LEU B 124 24.50 -2.97 17.77
C LEU B 124 23.08 -3.30 17.34
N THR B 125 22.22 -3.62 18.28
CA THR B 125 20.89 -4.16 17.97
C THR B 125 19.80 -3.16 18.32
N VAL B 126 19.05 -2.75 17.29
CA VAL B 126 18.03 -1.74 17.44
C VAL B 126 16.66 -2.26 16.99
N GLY B 127 15.76 -2.39 17.97
CA GLY B 127 14.37 -2.73 17.69
C GLY B 127 13.59 -1.48 17.37
N VAL B 128 12.63 -1.60 16.46
CA VAL B 128 11.62 -0.55 16.23
C VAL B 128 10.25 -1.20 16.41
N VAL B 129 9.45 -0.62 17.28
CA VAL B 129 8.13 -1.18 17.59
C VAL B 129 7.13 -0.04 17.63
N THR B 130 5.90 -0.34 17.22
CA THR B 130 4.81 0.62 17.21
C THR B 130 3.78 0.23 18.26
N ARG B 131 3.16 1.22 18.90
CA ARG B 131 1.96 0.99 19.72
C ARG B 131 0.81 1.43 18.82
N PRO B 132 -0.17 0.54 18.58
CA PRO B 132 -1.27 0.88 17.68
C PRO B 132 -2.17 2.01 18.21
N PHE B 133 -2.95 2.63 17.35
CA PHE B 133 -3.87 3.65 17.78
C PHE B 133 -4.87 3.03 18.76
N SER B 134 -5.31 3.81 19.74
CA SER B 134 -6.31 3.33 20.69
C SER B 134 -7.62 2.96 19.96
N PHE B 135 -7.95 3.69 18.88
CA PHE B 135 -9.17 3.38 18.13
C PHE B 135 -9.16 1.99 17.48
N GLU B 136 -7.99 1.34 17.45
CA GLU B 136 -7.89 -0.03 16.89
C GLU B 136 -8.37 -1.14 17.85
N GLY B 137 -8.56 -0.81 19.12
CA GLY B 137 -8.92 -1.79 20.11
C GLY B 137 -7.70 -2.58 20.51
N LYS B 138 -7.93 -3.78 21.04
CA LYS B 138 -6.89 -4.55 21.73
C LYS B 138 -7.23 -6.05 21.71
N ARG B 139 -6.25 -6.88 21.37
CA ARG B 139 -6.40 -8.34 21.41
C ARG B 139 -5.71 -8.88 22.66
N GLN B 143 -0.45 -8.91 25.23
CA GLN B 143 0.22 -9.49 24.05
C GLN B 143 1.15 -8.47 23.39
N ALA B 144 0.56 -7.38 22.89
CA ALA B 144 1.34 -6.30 22.28
C ALA B 144 2.43 -5.82 23.25
N GLU B 145 2.01 -5.52 24.49
CA GLU B 145 2.90 -5.13 25.58
C GLU B 145 3.96 -6.19 25.90
N ASN B 146 3.55 -7.46 25.88
CA ASN B 146 4.48 -8.57 26.13
C ASN B 146 5.57 -8.62 25.05
N GLY B 147 5.19 -8.26 23.81
CA GLY B 147 6.11 -8.23 22.67
C GLY B 147 7.11 -7.09 22.78
N ILE B 148 6.66 -5.96 23.31
CA ILE B 148 7.52 -4.81 23.58
C ILE B 148 8.57 -5.14 24.64
N ALA B 149 8.11 -5.71 25.75
CA ALA B 149 8.98 -6.08 26.85
C ALA B 149 10.03 -7.07 26.42
N ALA B 150 9.61 -8.11 25.69
CA ALA B 150 10.55 -9.13 25.20
C ALA B 150 11.55 -8.54 24.19
N LEU B 151 11.06 -7.66 23.33
CA LEU B 151 11.93 -7.05 22.34
C LEU B 151 12.91 -6.09 23.03
N ARG B 152 12.42 -5.38 24.04
CA ARG B 152 13.27 -4.50 24.81
C ARG B 152 14.42 -5.26 25.48
N GLU B 153 14.10 -6.40 26.09
CA GLU B 153 15.13 -7.23 26.74
C GLU B 153 16.17 -7.79 25.77
N SER B 154 15.79 -7.95 24.50
CA SER B 154 16.68 -8.53 23.49
C SER B 154 17.50 -7.49 22.69
N CYS B 155 17.17 -6.21 22.80
CA CYS B 155 17.83 -5.15 22.02
C CYS B 155 18.75 -4.27 22.86
N ASP B 156 19.67 -3.58 22.20
CA ASP B 156 20.41 -2.49 22.79
C ASP B 156 19.52 -1.29 22.99
N THR B 157 18.88 -0.86 21.91
CA THR B 157 17.92 0.23 21.93
C THR B 157 16.61 -0.25 21.30
N LEU B 158 15.50 0.12 21.94
CA LEU B 158 14.19 -0.12 21.38
C LEU B 158 13.49 1.22 21.14
N ILE B 159 13.34 1.57 19.87
CA ILE B 159 12.58 2.76 19.50
C ILE B 159 11.11 2.39 19.51
N VAL B 160 10.35 3.10 20.36
CA VAL B 160 8.93 2.90 20.51
C VAL B 160 8.22 4.06 19.87
N ILE B 161 7.30 3.73 18.97
CA ILE B 161 6.52 4.74 18.26
C ILE B 161 5.07 4.60 18.70
N PRO B 162 4.60 5.55 19.54
CA PRO B 162 3.21 5.51 19.98
C PRO B 162 2.31 6.21 18.96
N ASN B 163 1.57 5.43 18.16
CA ASN B 163 0.79 6.00 17.06
C ASN B 163 -0.23 7.03 17.51
N ASP B 164 -0.78 6.87 18.72
CA ASP B 164 -1.72 7.87 19.27
C ASP B 164 -1.18 9.28 19.24
N ARG B 165 0.12 9.44 19.43
CA ARG B 165 0.72 10.78 19.45
C ARG B 165 0.67 11.46 18.05
N LEU B 166 0.42 10.68 16.99
CA LEU B 166 0.29 11.24 15.64
C LEU B 166 -0.92 12.12 15.51
N LEU B 167 -1.93 11.89 16.35
CA LEU B 167 -3.14 12.71 16.39
C LEU B 167 -2.99 13.80 17.46
N VAL B 174 -8.31 15.32 9.85
CA VAL B 174 -7.49 14.14 9.61
C VAL B 174 -8.37 12.93 9.42
N SER B 175 -8.23 12.27 8.28
CA SER B 175 -8.97 11.08 8.00
C SER B 175 -8.26 9.91 8.64
N LEU B 176 -8.96 8.80 8.67
CA LEU B 176 -8.45 7.57 9.14
C LEU B 176 -7.27 7.13 8.27
N MET B 177 -7.36 7.35 6.96
CA MET B 177 -6.28 6.94 6.06
C MET B 177 -5.07 7.87 6.13
N ASP B 178 -5.26 9.14 6.50
CA ASP B 178 -4.13 10.02 6.82
C ASP B 178 -3.35 9.49 8.02
N ALA B 179 -4.07 9.05 9.04
CA ALA B 179 -3.46 8.54 10.24
C ALA B 179 -2.58 7.31 9.94
N PHE B 180 -3.13 6.35 9.23
CA PHE B 180 -2.40 5.15 8.89
C PHE B 180 -1.15 5.46 8.04
N ARG B 181 -1.29 6.37 7.08
CA ARG B 181 -0.17 6.74 6.22
C ARG B 181 0.88 7.46 7.03
N SER B 182 0.42 8.32 7.91
CA SER B 182 1.28 9.05 8.82
C SER B 182 2.09 8.09 9.74
N ALA B 183 1.44 7.04 10.21
CA ALA B 183 2.11 5.99 11.00
C ALA B 183 3.19 5.23 10.21
N ASP B 184 2.88 4.87 8.96
CA ASP B 184 3.88 4.23 8.07
C ASP B 184 5.08 5.12 7.88
N GLU B 185 4.84 6.40 7.66
CA GLU B 185 5.94 7.36 7.47
C GLU B 185 6.91 7.41 8.65
N VAL B 186 6.40 7.53 9.87
CA VAL B 186 7.28 7.64 11.03
C VAL B 186 7.98 6.32 11.28
N LEU B 187 7.28 5.21 11.04
CA LEU B 187 7.93 3.90 11.13
C LEU B 187 9.18 3.87 10.23
N LEU B 188 9.01 4.19 8.95
CA LEU B 188 10.12 4.24 8.01
C LEU B 188 11.27 5.10 8.58
N ASN B 189 10.96 6.32 9.01
CA ASN B 189 11.98 7.21 9.58
C ASN B 189 12.68 6.64 10.82
N GLY B 190 11.95 5.82 11.58
CA GLY B 190 12.55 5.07 12.69
C GLY B 190 13.85 4.35 12.29
N VAL B 191 13.95 3.98 11.01
CA VAL B 191 15.14 3.39 10.47
C VAL B 191 15.98 4.43 9.71
N GLN B 192 15.37 5.11 8.76
CA GLN B 192 16.12 5.96 7.81
C GLN B 192 16.84 7.15 8.42
N GLY B 193 16.20 7.80 9.39
CA GLY B 193 16.80 8.94 10.09
C GLY B 193 18.16 8.60 10.66
N ILE B 194 18.24 7.44 11.30
CA ILE B 194 19.49 6.92 11.86
C ILE B 194 20.42 6.38 10.78
N THR B 195 19.94 5.47 9.93
CA THR B 195 20.85 4.82 8.97
C THR B 195 21.50 5.83 8.02
N ASP B 196 20.72 6.79 7.51
CA ASP B 196 21.24 7.83 6.61
C ASP B 196 22.37 8.63 7.25
N LEU B 197 22.19 8.95 8.52
CA LEU B 197 23.20 9.66 9.30
C LEU B 197 24.53 8.92 9.22
N ILE B 198 24.45 7.59 9.21
CA ILE B 198 25.64 6.74 9.18
C ILE B 198 26.15 6.46 7.78
N THR B 199 25.23 6.25 6.82
CA THR B 199 25.59 5.73 5.48
C THR B 199 25.75 6.79 4.40
N THR B 200 25.05 7.92 4.54
CA THR B 200 25.00 8.90 3.49
C THR B 200 25.74 10.15 3.94
N PRO B 201 26.82 10.51 3.22
CA PRO B 201 27.62 11.68 3.67
C PRO B 201 26.84 12.99 3.73
N GLY B 202 27.16 13.82 4.71
CA GLY B 202 26.71 15.20 4.73
C GLY B 202 27.90 16.05 5.13
N LEU B 203 27.69 17.35 5.29
CA LEU B 203 28.78 18.23 5.74
C LEU B 203 29.34 17.74 7.10
N ILE B 204 28.43 17.40 8.02
CA ILE B 204 28.80 16.88 9.33
C ILE B 204 28.56 15.37 9.37
N ASN B 205 29.66 14.62 9.46
CA ASN B 205 29.60 13.17 9.52
C ASN B 205 29.90 12.66 10.91
N VAL B 206 29.34 11.49 11.24
CA VAL B 206 29.48 10.94 12.58
C VAL B 206 30.41 9.72 12.63
N ASP B 207 30.94 9.48 13.82
CA ASP B 207 31.74 8.32 14.10
C ASP B 207 30.78 7.23 14.59
N PHE B 208 30.78 6.08 13.92
CA PHE B 208 29.89 4.96 14.29
C PHE B 208 30.13 4.47 15.71
N ALA B 209 31.36 4.61 16.18
CA ALA B 209 31.71 4.23 17.54
C ALA B 209 30.92 5.06 18.56
N ASP B 210 30.71 6.33 18.24
CA ASP B 210 29.86 7.22 19.06
C ASP B 210 28.38 6.78 19.03
N VAL B 211 27.91 6.34 17.86
CA VAL B 211 26.56 5.80 17.74
C VAL B 211 26.38 4.54 18.60
N LYS B 212 27.34 3.61 18.48
CA LYS B 212 27.40 2.41 19.31
C LYS B 212 27.46 2.82 20.79
N GLY B 213 28.28 3.82 21.08
CA GLY B 213 28.48 4.30 22.43
C GLY B 213 27.21 4.79 23.07
N ILE B 214 26.47 5.62 22.34
CA ILE B 214 25.23 6.17 22.85
C ILE B 214 24.02 5.18 22.82
N MET B 215 24.00 4.21 21.88
CA MET B 215 22.86 3.30 21.74
C MET B 215 23.02 1.92 22.43
N SER B 216 24.26 1.49 22.68
CA SER B 216 24.52 0.21 23.36
C SER B 216 23.88 0.22 24.73
N GLY B 217 23.10 -0.82 25.03
CA GLY B 217 22.35 -0.91 26.29
C GLY B 217 21.59 0.33 26.74
N ALA B 218 21.18 1.21 25.81
CA ALA B 218 20.47 2.46 26.19
C ALA B 218 18.99 2.25 26.57
N GLY B 219 18.40 1.14 26.12
CA GLY B 219 17.02 0.80 26.48
C GLY B 219 16.01 1.44 25.55
N THR B 220 14.95 2.01 26.14
CA THR B 220 13.87 2.62 25.37
C THR B 220 14.28 3.97 24.82
N ALA B 221 13.94 4.20 23.56
CA ALA B 221 14.18 5.47 22.90
C ALA B 221 12.89 5.95 22.26
N LEU B 222 12.72 7.27 22.19
CA LEU B 222 11.61 7.88 21.50
C LEU B 222 12.16 8.73 20.35
N MET B 223 11.32 8.98 19.37
CA MET B 223 11.74 9.72 18.18
C MET B 223 10.90 10.96 17.95
N GLY B 224 11.54 12.00 17.41
CA GLY B 224 10.85 13.23 17.02
C GLY B 224 11.26 13.55 15.60
N ILE B 225 10.31 14.05 14.81
CA ILE B 225 10.60 14.45 13.44
C ILE B 225 10.07 15.86 13.17
N GLY B 226 10.75 16.55 12.28
CA GLY B 226 10.43 17.93 12.00
C GLY B 226 10.83 18.27 10.62
N SER B 227 10.01 19.09 9.98
CA SER B 227 10.24 19.45 8.60
C SER B 227 9.84 20.90 8.37
N ALA B 228 10.60 21.55 7.51
CA ALA B 228 10.41 22.95 7.17
C ALA B 228 11.22 23.26 5.92
N ARG B 229 10.83 24.31 5.21
CA ARG B 229 11.53 24.76 4.01
C ARG B 229 11.68 26.28 3.98
N GLY B 230 12.51 26.75 3.06
CA GLY B 230 12.75 28.17 2.91
C GLY B 230 13.54 28.77 4.05
N GLU B 231 13.06 29.90 4.55
CA GLU B 231 13.80 30.75 5.46
C GLU B 231 13.66 30.30 6.91
N GLY B 232 14.80 30.16 7.60
CA GLY B 232 14.82 29.66 8.99
C GLY B 232 14.48 28.18 9.13
N ARG B 233 14.55 27.45 8.01
CA ARG B 233 14.11 26.04 7.90
C ARG B 233 14.75 25.07 8.91
N SER B 234 16.02 25.25 9.19
CA SER B 234 16.74 24.31 10.07
C SER B 234 16.34 24.46 11.53
N LEU B 235 16.23 25.70 12.01
CA LEU B 235 15.75 25.98 13.36
C LEU B 235 14.27 25.60 13.55
N LYS B 236 13.45 25.86 12.54
CA LYS B 236 12.03 25.51 12.60
C LYS B 236 11.86 23.99 12.64
N ALA B 237 12.46 23.30 11.67
CA ALA B 237 12.44 21.83 11.64
C ALA B 237 12.94 21.23 12.96
N ALA B 238 14.05 21.76 13.48
CA ALA B 238 14.63 21.25 14.72
C ALA B 238 13.71 21.49 15.92
N GLU B 239 13.14 22.70 15.99
CA GLU B 239 12.18 23.05 17.05
C GLU B 239 10.94 22.11 17.04
N ILE B 240 10.43 21.83 15.84
CA ILE B 240 9.33 20.92 15.66
C ILE B 240 9.72 19.52 16.12
N ALA B 241 10.88 19.05 15.67
CA ALA B 241 11.37 17.70 16.04
C ALA B 241 11.47 17.51 17.56
N ILE B 242 12.03 18.52 18.21
CA ILE B 242 12.28 18.53 19.65
C ILE B 242 11.01 18.65 20.49
N ASN B 243 9.96 19.25 19.91
CA ASN B 243 8.68 19.41 20.59
C ASN B 243 7.63 18.39 20.09
N SER B 244 8.09 17.42 19.30
CA SER B 244 7.24 16.39 18.73
C SER B 244 6.53 15.63 19.85
N PRO B 245 5.19 15.50 19.76
CA PRO B 245 4.41 14.67 20.68
C PRO B 245 4.91 13.21 20.78
N LEU B 246 5.54 12.71 19.73
CA LEU B 246 6.15 11.37 19.74
C LEU B 246 7.30 11.22 20.76
N LEU B 247 7.94 12.33 21.13
CA LEU B 247 8.99 12.31 22.14
C LEU B 247 8.42 12.32 23.54
N GLU B 248 7.12 12.60 23.66
CA GLU B 248 6.42 12.59 24.95
C GLU B 248 7.11 13.48 25.96
N ALA B 249 7.60 14.63 25.50
CA ALA B 249 8.31 15.57 26.35
C ALA B 249 9.49 14.93 27.11
N SER B 250 10.08 13.89 26.52
CA SER B 250 11.21 13.16 27.13
C SER B 250 12.55 13.82 26.82
N MET B 251 12.52 14.89 26.03
CA MET B 251 13.73 15.55 25.56
C MET B 251 14.53 16.20 26.70
N GLU B 252 13.84 16.86 27.63
CA GLU B 252 14.49 17.55 28.76
C GLU B 252 15.32 16.60 29.62
N GLY B 253 14.82 15.37 29.80
CA GLY B 253 15.46 14.39 30.67
C GLY B 253 16.42 13.43 30.00
N ALA B 254 16.52 13.49 28.68
CA ALA B 254 17.30 12.50 27.93
C ALA B 254 18.82 12.62 28.19
N GLN B 255 19.45 11.47 28.39
CA GLN B 255 20.90 11.36 28.63
C GLN B 255 21.65 10.98 27.35
N GLY B 256 20.89 10.52 26.36
CA GLY B 256 21.43 10.22 25.04
C GLY B 256 20.53 10.84 23.99
N VAL B 257 21.12 11.65 23.11
CA VAL B 257 20.40 12.25 21.99
C VAL B 257 21.19 12.06 20.70
N LEU B 258 20.52 11.55 19.68
CA LEU B 258 21.05 11.48 18.34
C LEU B 258 20.21 12.42 17.47
N MET B 259 20.85 13.33 16.76
CA MET B 259 20.12 14.26 15.88
C MET B 259 20.71 14.26 14.47
N SER B 260 19.83 14.19 13.47
CA SER B 260 20.23 14.25 12.08
C SER B 260 19.45 15.33 11.33
N ILE B 261 20.14 16.07 10.46
CA ILE B 261 19.49 17.02 9.56
C ILE B 261 19.74 16.58 8.13
N ALA B 262 18.66 16.20 7.43
CA ALA B 262 18.72 15.82 6.05
C ALA B 262 18.32 17.01 5.21
N GLY B 263 19.08 17.27 4.15
CA GLY B 263 18.80 18.37 3.26
C GLY B 263 19.67 18.31 2.02
N GLY B 264 19.59 19.36 1.21
CA GLY B 264 20.41 19.47 0.00
C GLY B 264 21.87 19.75 0.31
N SER B 265 22.69 19.73 -0.73
CA SER B 265 24.12 20.00 -0.60
C SER B 265 24.41 21.48 -0.33
N ASP B 266 23.39 22.33 -0.50
CA ASP B 266 23.50 23.79 -0.25
C ASP B 266 23.27 24.17 1.22
N LEU B 267 23.17 23.16 2.09
CA LEU B 267 22.85 23.39 3.49
C LEU B 267 24.08 23.99 4.18
N GLY B 268 23.91 25.20 4.69
CA GLY B 268 25.01 25.98 5.23
C GLY B 268 25.40 25.56 6.64
N LEU B 269 26.66 25.75 6.96
CA LEU B 269 27.21 25.38 8.26
C LEU B 269 26.62 26.22 9.39
N PHE B 270 26.40 27.50 9.14
CA PHE B 270 25.80 28.35 10.14
C PHE B 270 24.42 27.84 10.54
N GLU B 271 23.52 27.66 9.58
CA GLU B 271 22.16 27.17 9.91
C GLU B 271 22.20 25.79 10.54
N ILE B 272 23.07 24.92 10.03
CA ILE B 272 23.31 23.62 10.66
C ILE B 272 23.68 23.77 12.13
N ASN B 273 24.65 24.63 12.41
CA ASN B 273 25.13 24.83 13.77
C ASN B 273 24.07 25.45 14.69
N GLU B 274 23.23 26.32 14.12
CA GLU B 274 22.11 26.90 14.87
C GLU B 274 21.14 25.82 15.34
N ALA B 275 20.86 24.86 14.46
CA ALA B 275 20.01 23.73 14.81
C ALA B 275 20.67 22.84 15.89
N ALA B 276 21.97 22.53 15.71
CA ALA B 276 22.71 21.73 16.69
C ALA B 276 22.72 22.43 18.05
N SER B 277 22.89 23.75 18.02
CA SER B 277 22.92 24.59 19.21
C SER B 277 21.59 24.52 19.97
N LEU B 278 20.49 24.59 19.22
CA LEU B 278 19.16 24.51 19.81
C LEU B 278 18.93 23.19 20.54
N VAL B 279 19.36 22.09 19.95
CA VAL B 279 19.14 20.78 20.56
C VAL B 279 19.98 20.60 21.82
N GLN B 280 21.18 21.21 21.84
CA GLN B 280 22.01 21.18 23.05
C GLN B 280 21.37 21.95 24.18
N ASP B 281 20.88 23.16 23.89
CA ASP B 281 20.18 23.98 24.90
C ASP B 281 18.96 23.23 25.43
N ALA B 282 18.18 22.63 24.53
CA ALA B 282 16.97 21.91 24.91
C ALA B 282 17.26 20.61 25.67
N ALA B 283 18.46 20.05 25.49
CA ALA B 283 18.80 18.77 26.12
C ALA B 283 19.40 18.95 27.51
N HIS B 284 19.28 17.90 28.33
CA HIS B 284 19.86 17.84 29.66
C HIS B 284 21.35 18.12 29.56
N PRO B 285 21.91 18.95 30.48
CA PRO B 285 23.33 19.33 30.40
C PRO B 285 24.31 18.16 30.41
N ASP B 286 23.95 17.06 31.07
CA ASP B 286 24.78 15.85 31.09
C ASP B 286 24.56 14.94 29.89
N ALA B 287 23.69 15.33 28.96
CA ALA B 287 23.38 14.51 27.81
C ALA B 287 24.59 14.26 26.91
N ASN B 288 24.64 13.05 26.40
CA ASN B 288 25.56 12.68 25.37
C ASN B 288 24.85 13.02 24.05
N ILE B 289 25.52 13.72 23.15
CA ILE B 289 24.87 14.18 21.92
C ILE B 289 25.66 13.85 20.69
N ILE B 290 25.08 13.02 19.81
CA ILE B 290 25.67 12.72 18.51
C ILE B 290 24.86 13.50 17.45
N PHE B 291 25.56 14.22 16.59
CA PHE B 291 24.93 15.14 15.64
C PHE B 291 25.57 15.04 14.25
N GLY B 292 24.74 14.95 13.21
CA GLY B 292 25.25 15.00 11.85
C GLY B 292 24.24 15.46 10.83
N THR B 293 24.72 15.60 9.59
CA THR B 293 23.86 15.97 8.48
C THR B 293 23.94 14.94 7.36
N VAL B 294 22.98 15.05 6.46
CA VAL B 294 22.79 14.10 5.38
C VAL B 294 22.49 14.90 4.14
N ILE B 295 23.26 14.63 3.07
CA ILE B 295 22.97 15.24 1.78
C ILE B 295 22.05 14.31 0.99
N ASP B 296 20.78 14.72 0.95
CA ASP B 296 19.74 14.11 0.13
C ASP B 296 19.23 15.24 -0.77
N ASP B 297 19.64 15.21 -2.04
CA ASP B 297 19.33 16.31 -2.97
C ASP B 297 17.92 16.23 -3.58
N SER B 298 17.19 15.14 -3.30
CA SER B 298 15.81 15.00 -3.78
C SER B 298 14.82 15.84 -2.94
N LEU B 299 15.29 16.36 -1.79
CA LEU B 299 14.44 17.13 -0.88
C LEU B 299 14.13 18.56 -1.34
N GLY B 300 14.90 19.07 -2.29
CA GLY B 300 14.72 20.46 -2.75
C GLY B 300 15.18 21.44 -1.70
N ASP B 301 14.31 22.37 -1.31
CA ASP B 301 14.65 23.33 -0.26
C ASP B 301 14.02 22.96 1.10
N GLU B 302 13.60 21.71 1.22
CA GLU B 302 13.11 21.17 2.49
C GLU B 302 14.28 20.58 3.30
N VAL B 303 14.24 20.74 4.63
CA VAL B 303 15.11 19.98 5.52
C VAL B 303 14.26 19.09 6.45
N ARG B 304 14.76 17.89 6.74
CA ARG B 304 14.09 16.96 7.63
C ARG B 304 15.00 16.60 8.81
N VAL B 305 14.53 16.92 10.01
CA VAL B 305 15.26 16.62 11.23
C VAL B 305 14.67 15.41 11.94
N THR B 306 15.55 14.53 12.37
CA THR B 306 15.19 13.40 13.21
C THR B 306 15.93 13.53 14.53
N VAL B 307 15.23 13.27 15.62
CA VAL B 307 15.79 13.32 16.94
C VAL B 307 15.44 12.00 17.62
N ILE B 308 16.46 11.28 18.11
CA ILE B 308 16.28 10.07 18.87
C ILE B 308 16.75 10.36 20.29
N ALA B 309 15.87 10.16 21.27
CA ALA B 309 16.20 10.45 22.65
C ALA B 309 16.07 9.19 23.52
N ALA B 310 17.11 8.90 24.30
CA ALA B 310 17.14 7.76 25.21
C ALA B 310 17.64 8.20 26.59
N GLY B 311 17.31 7.41 27.62
CA GLY B 311 17.74 7.68 29.02
C GLY B 311 16.78 8.61 29.73
N PHE B 312 17.02 8.88 31.02
CA PHE B 312 16.11 9.73 31.82
C PHE B 312 16.85 10.70 32.76
C1 CIT C . -6.37 -20.96 -10.96
O1 CIT C . -5.38 -20.19 -10.84
O2 CIT C . -6.73 -21.32 -12.11
C2 CIT C . -7.13 -21.41 -9.74
C3 CIT C . -7.98 -20.26 -9.16
O7 CIT C . -7.12 -19.34 -8.42
C4 CIT C . -8.80 -19.47 -10.22
C5 CIT C . -9.63 -18.35 -9.61
O3 CIT C . -10.07 -18.40 -8.44
O4 CIT C . -9.87 -17.33 -10.29
C6 CIT C . -8.93 -20.95 -8.19
O5 CIT C . -8.73 -20.86 -6.94
O6 CIT C . -9.91 -21.58 -8.65
#